data_4BUS
#
_entry.id   4BUS
#
_cell.length_a   90.580
_cell.length_b   98.240
_cell.length_c   118.240
_cell.angle_alpha   90.00
_cell.angle_beta   90.00
_cell.angle_gamma   90.00
#
_symmetry.space_group_name_H-M   'C 2 2 21'
#
loop_
_entity.id
_entity.type
_entity.pdbx_description
1 polymer TANKYRASE-2
2 non-polymer 'ZINC ION'
3 non-polymer 'SULFATE ION'
4 non-polymer '2-[4-(4-oxidanylidene-3H-quinazolin-2-yl)phenoxy]ethanoic acid'
5 non-polymer GLYCEROL
6 water water
#
_entity_poly.entity_id   1
_entity_poly.type   'polypeptide(L)'
_entity_poly.pdbx_seq_one_letter_code
;MHHHHHHSSGVDLGTENLYFQSMLNTSGSGTILIDLSPDDKEFQSVEEEMQSTVREHRDGGHAGGIFNRYNILKIQKVCN
KKLWERYTHRRKEVSEENHNHANERMLFHGSPFVNAIIHKGFDERHAYIGGMFGAGIYFAENSSKSNQYVYGIGGGTGCP
VHKDRSCYICHRQLLFCRVTLGKSFLQFSAMKMAHSPPGHHSVTGRPSVNGLALAEYVIYRGEQAYPEYLITYQIMRPEG
;
_entity_poly.pdbx_strand_id   A,B
#
loop_
_chem_comp.id
_chem_comp.type
_chem_comp.name
_chem_comp.formula
32F non-polymer '2-[4-(4-oxidanylidene-3H-quinazolin-2-yl)phenoxy]ethanoic acid' 'C16 H12 N2 O4'
GOL non-polymer GLYCEROL 'C3 H8 O3'
SO4 non-polymer 'SULFATE ION' 'O4 S -2'
ZN non-polymer 'ZINC ION' 'Zn 2'
#
# COMPACT_ATOMS: atom_id res chain seq x y z
N GLY A 30 27.29 -25.57 -6.11
CA GLY A 30 26.44 -26.75 -6.39
C GLY A 30 25.44 -26.49 -7.53
N THR A 31 25.21 -25.23 -7.88
CA THR A 31 24.12 -24.94 -8.80
C THR A 31 24.53 -25.10 -10.26
N ILE A 32 23.74 -25.84 -11.03
CA ILE A 32 23.83 -25.77 -12.48
C ILE A 32 22.52 -25.22 -13.09
N LEU A 33 22.65 -24.51 -14.18
CA LEU A 33 21.50 -23.96 -14.94
C LEU A 33 21.34 -24.70 -16.26
N ILE A 34 20.18 -25.30 -16.46
CA ILE A 34 19.93 -26.02 -17.70
C ILE A 34 18.93 -25.26 -18.54
N ASP A 35 19.31 -24.94 -19.78
CA ASP A 35 18.42 -24.19 -20.70
C ASP A 35 17.28 -25.03 -21.14
N LEU A 36 16.07 -24.47 -21.15
CA LEU A 36 14.94 -25.17 -21.71
C LEU A 36 14.79 -24.73 -23.13
N SER A 37 14.47 -25.66 -24.01
CA SER A 37 14.20 -25.28 -25.39
C SER A 37 12.83 -24.58 -25.46
N PRO A 38 12.67 -23.60 -26.37
CA PRO A 38 11.33 -23.03 -26.57
C PRO A 38 10.28 -24.04 -27.03
N ASP A 39 10.73 -25.16 -27.60
CA ASP A 39 9.86 -26.26 -28.01
C ASP A 39 9.37 -27.09 -26.84
N ASP A 40 10.01 -26.97 -25.69
CA ASP A 40 9.75 -27.86 -24.56
C ASP A 40 8.45 -27.40 -23.89
N LYS A 41 7.57 -28.35 -23.57
CA LYS A 41 6.28 -28.00 -22.97
C LYS A 41 6.43 -27.26 -21.64
N GLU A 42 7.52 -27.53 -20.95
CA GLU A 42 7.88 -26.85 -19.73
C GLU A 42 8.23 -25.39 -19.93
N PHE A 43 8.98 -25.09 -20.98
CA PHE A 43 9.26 -23.70 -21.37
C PHE A 43 7.92 -23.00 -21.61
N GLN A 44 7.06 -23.66 -22.35
CA GLN A 44 5.83 -23.04 -22.78
C GLN A 44 4.86 -22.80 -21.65
N SER A 45 4.78 -23.70 -20.67
CA SER A 45 3.88 -23.47 -19.54
C SER A 45 4.40 -22.39 -18.56
N VAL A 46 5.71 -22.32 -18.35
CA VAL A 46 6.30 -21.24 -17.55
C VAL A 46 6.12 -19.89 -18.27
N GLU A 47 6.39 -19.84 -19.58
CA GLU A 47 6.16 -18.58 -20.31
C GLU A 47 4.68 -18.16 -20.18
N GLU A 48 3.74 -19.07 -20.38
CA GLU A 48 2.34 -18.72 -20.26
C GLU A 48 1.96 -18.14 -18.89
N GLU A 49 2.51 -18.69 -17.81
CA GLU A 49 2.22 -18.16 -16.47
C GLU A 49 2.82 -16.76 -16.30
N MET A 50 4.02 -16.57 -16.84
CA MET A 50 4.64 -15.25 -16.84
C MET A 50 3.75 -14.19 -17.58
N GLN A 51 3.32 -14.52 -18.79
CA GLN A 51 2.62 -13.57 -19.65
C GLN A 51 1.19 -13.33 -19.15
N SER A 52 0.48 -14.37 -18.74
CA SER A 52 -0.92 -14.27 -18.40
C SER A 52 -1.17 -13.61 -17.05
N THR A 53 -0.13 -13.45 -16.23
CA THR A 53 -0.27 -12.82 -14.93
C THR A 53 0.25 -11.38 -14.89
N VAL A 54 0.50 -10.77 -16.05
CA VAL A 54 0.75 -9.32 -16.12
C VAL A 54 -0.55 -8.57 -15.83
N ARG A 55 -0.47 -7.53 -15.00
CA ARG A 55 -1.60 -6.64 -14.81
C ARG A 55 -1.08 -5.21 -14.82
N GLU A 56 -2.01 -4.23 -14.86
CA GLU A 56 -1.67 -2.83 -14.62
C GLU A 56 -1.50 -2.59 -13.13
N HIS A 57 -0.63 -1.66 -12.81
CA HIS A 57 -0.32 -1.30 -11.44
C HIS A 57 -0.72 0.10 -11.16
N ARG A 58 -0.99 0.32 -9.88
CA ARG A 58 -1.60 1.59 -9.43
C ARG A 58 -0.60 2.71 -9.49
N ASP A 59 0.70 2.37 -9.64
CA ASP A 59 1.71 3.40 -9.87
C ASP A 59 1.86 3.87 -11.31
N GLY A 60 1.00 3.40 -12.19
CA GLY A 60 1.01 3.77 -13.61
C GLY A 60 2.23 3.28 -14.38
N GLY A 61 3.00 2.39 -13.73
CA GLY A 61 4.25 1.88 -14.26
C GLY A 61 5.52 2.47 -13.67
N HIS A 62 5.40 3.29 -12.62
CA HIS A 62 6.57 3.97 -12.07
C HIS A 62 7.67 3.00 -11.65
N ALA A 63 7.32 1.94 -10.95
CA ALA A 63 8.33 1.04 -10.39
C ALA A 63 8.87 0.08 -11.40
N GLY A 64 7.98 -0.55 -12.15
CA GLY A 64 8.31 -1.69 -13.00
C GLY A 64 8.39 -1.40 -14.46
N GLY A 65 7.90 -0.23 -14.86
CA GLY A 65 7.78 0.09 -16.27
C GLY A 65 6.38 -0.03 -16.84
N ILE A 66 6.20 0.52 -18.03
CA ILE A 66 4.94 0.42 -18.77
C ILE A 66 5.00 -0.68 -19.84
N PHE A 67 4.13 -1.68 -19.69
CA PHE A 67 4.09 -2.87 -20.58
C PHE A 67 2.85 -3.70 -20.31
N ASN A 68 2.47 -4.49 -21.31
CA ASN A 68 1.38 -5.45 -21.21
C ASN A 68 1.86 -6.90 -21.38
N ARG A 69 3.10 -7.04 -21.84
CA ARG A 69 3.64 -8.36 -22.04
C ARG A 69 5.16 -8.28 -22.06
N TYR A 70 5.78 -9.44 -22.09
CA TYR A 70 7.22 -9.57 -22.08
C TYR A 70 7.75 -10.19 -23.37
N ASN A 71 9.05 -9.98 -23.61
CA ASN A 71 9.81 -10.78 -24.58
C ASN A 71 10.66 -11.74 -23.79
N ILE A 72 10.31 -13.02 -23.79
CA ILE A 72 11.01 -14.03 -23.01
C ILE A 72 12.24 -14.44 -23.83
N LEU A 73 13.42 -14.29 -23.25
CA LEU A 73 14.66 -14.56 -23.97
C LEU A 73 15.21 -15.93 -23.59
N LYS A 74 15.06 -16.31 -22.34
CA LYS A 74 15.58 -17.58 -21.88
C LYS A 74 14.82 -18.05 -20.65
N ILE A 75 14.61 -19.37 -20.53
CA ILE A 75 14.14 -19.96 -19.29
C ILE A 75 15.08 -21.10 -18.93
N GLN A 76 15.71 -21.02 -17.76
CA GLN A 76 16.62 -22.05 -17.25
C GLN A 76 16.09 -22.74 -15.97
N LYS A 77 16.24 -24.06 -15.90
CA LYS A 77 15.96 -24.81 -14.70
C LYS A 77 17.14 -24.65 -13.77
N VAL A 78 16.87 -24.37 -12.50
CA VAL A 78 17.90 -24.16 -11.48
C VAL A 78 18.03 -25.49 -10.76
N CYS A 79 19.20 -26.11 -10.80
CA CYS A 79 19.40 -27.48 -10.26
C CYS A 79 20.49 -27.46 -9.25
N ASN A 80 20.11 -27.68 -7.99
CA ASN A 80 21.02 -27.74 -6.87
C ASN A 80 20.49 -28.76 -5.86
N LYS A 81 21.16 -29.91 -5.82
CA LYS A 81 20.75 -31.02 -4.97
C LYS A 81 20.62 -30.63 -3.49
N LYS A 82 21.62 -29.97 -2.93
CA LYS A 82 21.58 -29.56 -1.54
C LYS A 82 20.39 -28.63 -1.24
N LEU A 83 20.22 -27.58 -2.05
CA LEU A 83 19.11 -26.66 -1.91
C LEU A 83 17.75 -27.32 -2.08
N TRP A 84 17.64 -28.27 -3.01
CA TRP A 84 16.41 -29.03 -3.23
C TRP A 84 16.09 -29.84 -2.00
N GLU A 85 17.09 -30.48 -1.41
CA GLU A 85 16.86 -31.32 -0.26
C GLU A 85 16.54 -30.48 0.98
N ARG A 86 17.10 -29.29 1.06
CA ARG A 86 16.74 -28.31 2.10
C ARG A 86 15.26 -27.94 2.01
N TYR A 87 14.80 -27.65 0.80
CA TYR A 87 13.39 -27.32 0.58
C TYR A 87 12.46 -28.53 0.89
N THR A 88 12.78 -29.73 0.38
CA THR A 88 11.89 -30.89 0.60
C THR A 88 11.85 -31.32 2.07
N HIS A 89 12.98 -31.17 2.79
CA HIS A 89 13.00 -31.46 4.24
C HIS A 89 12.01 -30.59 4.99
N ARG A 90 12.05 -29.29 4.72
CA ARG A 90 11.15 -28.34 5.36
C ARG A 90 9.70 -28.54 4.91
N ARG A 91 9.50 -28.86 3.64
CA ARG A 91 8.19 -29.17 3.12
C ARG A 91 7.51 -30.32 3.88
N LYS A 92 8.29 -31.37 4.20
CA LYS A 92 7.76 -32.50 4.95
C LYS A 92 7.39 -32.06 6.38
N GLU A 93 8.20 -31.22 7.00
CA GLU A 93 7.90 -30.73 8.32
C GLU A 93 6.58 -29.97 8.35
N VAL A 94 6.44 -29.03 7.41
CA VAL A 94 5.21 -28.26 7.25
C VAL A 94 4.02 -29.17 7.02
N SER A 95 4.15 -30.03 6.04
CA SER A 95 3.10 -30.97 5.67
C SER A 95 2.62 -31.75 6.89
N GLU A 96 3.56 -32.24 7.67
CA GLU A 96 3.22 -33.05 8.82
C GLU A 96 2.54 -32.21 9.93
N GLU A 97 2.78 -30.90 9.96
CA GLU A 97 2.06 -29.94 10.85
C GLU A 97 0.71 -29.48 10.32
N ASN A 98 0.32 -29.93 9.13
CA ASN A 98 -0.86 -29.44 8.44
C ASN A 98 -1.59 -30.55 7.68
N HIS A 99 -1.94 -31.62 8.41
CA HIS A 99 -2.69 -32.75 7.84
C HIS A 99 -2.23 -33.18 6.48
N ASN A 100 -0.90 -33.34 6.35
CA ASN A 100 -0.23 -33.84 5.14
C ASN A 100 -0.48 -32.94 3.91
N HIS A 101 -0.50 -31.64 4.14
CA HIS A 101 -0.76 -30.66 3.10
C HIS A 101 0.26 -29.57 3.17
N ALA A 102 1.23 -29.59 2.24
CA ALA A 102 2.26 -28.54 2.13
C ALA A 102 1.69 -27.20 1.66
N ASN A 103 0.56 -27.25 0.94
CA ASN A 103 -0.03 -26.06 0.33
C ASN A 103 1.03 -25.39 -0.52
N GLU A 104 1.54 -26.17 -1.48
CA GLU A 104 2.63 -25.72 -2.33
C GLU A 104 2.11 -24.94 -3.53
N ARG A 105 2.76 -23.81 -3.81
CA ARG A 105 2.41 -22.95 -4.96
C ARG A 105 3.64 -22.68 -5.85
N MET A 106 3.40 -22.22 -7.08
CA MET A 106 4.45 -21.71 -7.91
C MET A 106 4.18 -20.21 -8.06
N LEU A 107 5.15 -19.41 -7.62
CA LEU A 107 4.99 -17.97 -7.47
C LEU A 107 6.24 -17.28 -7.96
N PHE A 108 6.10 -16.00 -8.32
CA PHE A 108 7.18 -15.20 -8.82
C PHE A 108 7.92 -14.50 -7.72
N HIS A 109 9.19 -14.25 -7.98
CA HIS A 109 10.02 -13.47 -7.10
C HIS A 109 10.97 -12.66 -7.89
N GLY A 110 10.98 -11.35 -7.61
CA GLY A 110 11.93 -10.44 -8.25
C GLY A 110 12.82 -9.85 -7.19
N SER A 111 14.12 -9.72 -7.48
CA SER A 111 15.05 -9.32 -6.45
C SER A 111 16.37 -8.82 -7.01
N PRO A 112 16.97 -7.78 -6.39
CA PRO A 112 18.35 -7.50 -6.80
C PRO A 112 19.33 -8.62 -6.47
N PHE A 113 18.94 -9.58 -5.63
CA PHE A 113 19.84 -10.67 -5.24
C PHE A 113 19.63 -11.99 -5.96
N VAL A 114 19.05 -11.94 -7.14
CA VAL A 114 18.66 -13.16 -7.86
C VAL A 114 19.86 -14.06 -8.08
N ASN A 115 21.00 -13.47 -8.41
CA ASN A 115 22.17 -14.29 -8.67
C ASN A 115 22.72 -14.91 -7.41
N ALA A 116 22.59 -14.30 -6.22
CA ALA A 116 22.89 -15.03 -4.95
C ALA A 116 21.88 -16.11 -4.54
N ILE A 117 20.61 -15.85 -4.79
CA ILE A 117 19.58 -16.82 -4.43
C ILE A 117 19.75 -18.12 -5.21
N ILE A 118 20.05 -18.05 -6.48
CA ILE A 118 20.14 -19.30 -7.23
C ILE A 118 21.36 -20.15 -6.82
N HIS A 119 22.38 -19.54 -6.21
CA HIS A 119 23.58 -20.27 -5.75
C HIS A 119 23.54 -20.71 -4.31
N LYS A 120 22.98 -19.88 -3.44
CA LYS A 120 23.03 -20.12 -2.00
C LYS A 120 21.67 -20.40 -1.37
N GLY A 121 20.60 -20.20 -2.14
CA GLY A 121 19.23 -20.39 -1.64
C GLY A 121 18.68 -19.10 -1.01
N PHE A 122 17.40 -19.12 -0.67
CA PHE A 122 16.76 -18.01 0.04
C PHE A 122 17.19 -18.04 1.48
N ASP A 123 17.48 -16.88 2.05
CA ASP A 123 17.67 -16.76 3.50
C ASP A 123 17.34 -15.34 3.97
N GLU A 124 17.58 -15.06 5.24
CA GLU A 124 17.23 -13.75 5.86
C GLU A 124 17.76 -12.51 5.12
N ARG A 125 18.84 -12.66 4.37
CA ARG A 125 19.37 -11.54 3.57
C ARG A 125 18.52 -11.14 2.38
N HIS A 126 17.57 -12.00 2.01
CA HIS A 126 16.72 -11.74 0.84
C HIS A 126 15.34 -11.24 1.25
N ALA A 127 15.19 -10.94 2.55
CA ALA A 127 13.91 -10.51 3.11
C ALA A 127 13.64 -9.05 2.75
N TYR A 128 12.37 -8.69 2.64
CA TYR A 128 11.95 -7.31 2.47
C TYR A 128 11.63 -6.79 3.86
N ILE A 129 12.61 -6.11 4.45
CA ILE A 129 12.51 -5.75 5.85
C ILE A 129 11.30 -4.86 6.08
N GLY A 130 11.04 -3.91 5.17
CA GLY A 130 9.91 -3.02 5.32
C GLY A 130 8.60 -3.45 4.67
N GLY A 131 8.42 -4.73 4.32
CA GLY A 131 7.21 -5.15 3.66
C GLY A 131 5.97 -5.00 4.52
N MET A 132 4.81 -4.96 3.86
CA MET A 132 3.47 -4.70 4.46
C MET A 132 3.12 -5.72 5.54
N PHE A 133 3.71 -6.90 5.41
CA PHE A 133 3.44 -8.01 6.34
C PHE A 133 4.66 -8.36 7.20
N GLY A 134 5.55 -7.41 7.42
CA GLY A 134 6.73 -7.63 8.27
C GLY A 134 7.94 -8.17 7.49
N ALA A 135 9.07 -8.32 8.18
CA ALA A 135 10.31 -8.74 7.54
C ALA A 135 10.18 -10.21 7.17
N GLY A 136 10.05 -10.46 5.88
CA GLY A 136 9.98 -11.81 5.34
C GLY A 136 10.33 -11.78 3.88
N ILE A 137 10.18 -12.93 3.22
CA ILE A 137 10.52 -13.06 1.80
C ILE A 137 9.21 -13.11 1.06
N TYR A 138 9.03 -12.19 0.11
CA TYR A 138 7.77 -11.93 -0.55
C TYR A 138 7.73 -12.56 -1.94
N PHE A 139 6.57 -13.13 -2.26
CA PHE A 139 6.29 -13.73 -3.56
C PHE A 139 4.96 -13.23 -4.11
N ALA A 140 4.79 -13.27 -5.42
CA ALA A 140 3.58 -12.79 -6.08
C ALA A 140 3.01 -13.77 -7.10
N GLU A 141 1.68 -13.82 -7.16
CA GLU A 141 1.00 -14.47 -8.27
C GLU A 141 1.17 -13.68 -9.57
N ASN A 142 1.10 -12.35 -9.51
CA ASN A 142 1.30 -11.52 -10.67
C ASN A 142 2.78 -11.36 -11.01
N SER A 143 3.21 -11.86 -12.17
CA SER A 143 4.60 -11.65 -12.58
C SER A 143 5.00 -10.16 -12.58
N SER A 144 4.08 -9.29 -13.03
CA SER A 144 4.34 -7.85 -13.06
C SER A 144 4.54 -7.21 -11.68
N LYS A 145 3.97 -7.80 -10.62
CA LYS A 145 4.29 -7.32 -9.29
C LYS A 145 5.79 -7.62 -8.95
N SER A 146 6.23 -8.86 -9.12
CA SER A 146 7.65 -9.20 -8.91
C SER A 146 8.58 -8.38 -9.81
N ASN A 147 8.15 -8.05 -11.01
CA ASN A 147 8.95 -7.23 -11.92
C ASN A 147 9.27 -5.86 -11.32
N GLN A 148 8.40 -5.33 -10.45
CA GLN A 148 8.64 -4.05 -9.82
C GLN A 148 9.84 -4.07 -8.89
N TYR A 149 10.31 -5.27 -8.48
CA TYR A 149 11.43 -5.41 -7.54
C TYR A 149 12.79 -5.84 -8.15
N VAL A 150 12.82 -6.01 -9.47
CA VAL A 150 14.01 -6.55 -10.16
C VAL A 150 15.18 -5.60 -9.95
N TYR A 151 14.89 -4.30 -10.03
CA TYR A 151 15.91 -3.28 -9.82
C TYR A 151 15.81 -2.64 -8.42
N GLY A 152 15.13 -3.32 -7.51
CA GLY A 152 15.13 -2.98 -6.10
C GLY A 152 13.75 -2.50 -5.66
N ILE A 153 13.62 -2.17 -4.37
CA ILE A 153 12.34 -1.73 -3.82
C ILE A 153 11.94 -0.48 -4.61
N GLY A 154 10.71 -0.46 -5.08
CA GLY A 154 10.22 0.64 -5.87
C GLY A 154 10.85 0.77 -7.24
N GLY A 155 11.52 -0.28 -7.72
CA GLY A 155 12.26 -0.19 -8.96
C GLY A 155 13.62 0.49 -8.83
N GLY A 156 13.97 0.92 -7.61
CA GLY A 156 15.25 1.60 -7.32
C GLY A 156 15.50 2.76 -8.25
N THR A 157 16.69 2.79 -8.85
CA THR A 157 17.02 3.76 -9.91
C THR A 157 16.90 3.18 -11.35
N GLY A 158 16.19 2.08 -11.51
CA GLY A 158 16.00 1.51 -12.80
C GLY A 158 17.21 0.71 -13.23
N CYS A 159 17.32 0.45 -14.52
CA CYS A 159 18.38 -0.45 -15.00
C CYS A 159 19.75 0.17 -14.72
N PRO A 160 20.77 -0.66 -14.49
CA PRO A 160 22.11 -0.13 -14.27
C PRO A 160 22.67 0.67 -15.45
N VAL A 161 22.33 0.30 -16.67
CA VAL A 161 22.95 0.90 -17.85
C VAL A 161 22.36 2.28 -18.15
N HIS A 162 21.03 2.37 -18.23
CA HIS A 162 20.33 3.59 -18.60
C HIS A 162 19.64 4.32 -17.49
N LYS A 163 19.67 3.79 -16.27
CA LYS A 163 18.93 4.37 -15.13
C LYS A 163 17.45 4.58 -15.42
N ASP A 164 16.84 3.58 -16.07
CA ASP A 164 15.48 3.68 -16.54
C ASP A 164 14.62 2.51 -15.98
N ARG A 165 13.71 2.80 -15.05
CA ARG A 165 12.81 1.76 -14.52
C ARG A 165 11.93 1.15 -15.62
N SER A 166 11.68 1.88 -16.71
CA SER A 166 10.92 1.30 -17.82
C SER A 166 11.82 0.91 -18.98
N CYS A 167 13.07 0.58 -18.72
CA CYS A 167 13.97 0.21 -19.83
C CYS A 167 13.41 -0.95 -20.63
N TYR A 168 13.36 -0.76 -21.94
CA TYR A 168 12.92 -1.81 -22.84
C TYR A 168 14.07 -2.54 -23.52
N ILE A 169 15.30 -2.12 -23.25
CA ILE A 169 16.47 -2.75 -23.87
C ILE A 169 17.13 -3.76 -22.94
N CYS A 170 17.37 -3.36 -21.72
CA CYS A 170 18.13 -4.22 -20.82
C CYS A 170 17.36 -5.51 -20.45
N HIS A 171 18.14 -6.58 -20.29
CA HIS A 171 17.67 -7.90 -19.89
C HIS A 171 17.45 -7.96 -18.41
N ARG A 172 16.24 -8.36 -18.03
CA ARG A 172 15.85 -8.53 -16.66
C ARG A 172 15.73 -10.02 -16.35
N GLN A 173 15.78 -10.37 -15.08
CA GLN A 173 15.58 -11.73 -14.61
C GLN A 173 14.60 -11.79 -13.46
N LEU A 174 13.74 -12.81 -13.45
CA LEU A 174 12.82 -13.10 -12.36
C LEU A 174 13.02 -14.56 -12.02
N LEU A 175 12.67 -14.94 -10.80
CA LEU A 175 12.55 -16.35 -10.41
C LEU A 175 11.09 -16.80 -10.38
N PHE A 176 10.82 -18.02 -10.86
CA PHE A 176 9.55 -18.68 -10.67
C PHE A 176 9.80 -19.85 -9.74
N CYS A 177 9.17 -19.80 -8.56
CA CYS A 177 9.65 -20.52 -7.38
C CYS A 177 8.62 -21.48 -6.88
N ARG A 178 9.08 -22.58 -6.32
CA ARG A 178 8.21 -23.51 -5.64
C ARG A 178 8.17 -23.09 -4.16
N VAL A 179 6.98 -22.80 -3.65
CA VAL A 179 6.84 -22.19 -2.32
C VAL A 179 5.90 -22.95 -1.42
N THR A 180 6.31 -23.23 -0.20
CA THR A 180 5.46 -24.02 0.71
C THR A 180 4.75 -23.02 1.61
N LEU A 181 3.41 -22.95 1.53
CA LEU A 181 2.64 -22.00 2.35
C LEU A 181 2.17 -22.57 3.68
N GLY A 182 1.97 -23.89 3.74
CA GLY A 182 1.41 -24.56 4.90
C GLY A 182 0.10 -23.86 5.26
N LYS A 183 -0.12 -23.69 6.55
CA LYS A 183 -1.28 -22.94 7.04
C LYS A 183 -0.98 -21.45 6.97
N SER A 184 -1.69 -20.75 6.09
CA SER A 184 -1.36 -19.34 5.79
C SER A 184 -2.31 -18.40 6.51
N PHE A 185 -1.77 -17.40 7.16
CA PHE A 185 -2.58 -16.38 7.84
C PHE A 185 -3.14 -15.40 6.78
N LEU A 186 -4.45 -15.23 6.72
CA LEU A 186 -5.12 -14.40 5.72
C LEU A 186 -5.20 -12.95 6.22
N GLN A 187 -4.59 -12.04 5.46
CA GLN A 187 -4.62 -10.61 5.74
C GLN A 187 -5.39 -9.97 4.58
N PHE A 188 -6.51 -9.29 4.87
CA PHE A 188 -7.29 -8.63 3.85
C PHE A 188 -6.71 -7.23 3.81
N SER A 189 -6.37 -6.69 2.65
CA SER A 189 -5.51 -5.47 2.68
C SER A 189 -5.56 -4.67 1.40
N ALA A 190 -5.36 -3.35 1.54
CA ALA A 190 -5.16 -2.41 0.41
C ALA A 190 -3.67 -2.11 0.21
N MET A 193 14.64 -11.24 10.04
CA MET A 193 13.36 -11.79 9.60
C MET A 193 12.39 -11.98 10.77
N ALA A 194 11.14 -11.57 10.60
CA ALA A 194 10.11 -11.78 11.60
C ALA A 194 9.70 -13.27 11.62
N HIS A 195 8.77 -13.61 12.49
CA HIS A 195 8.27 -14.99 12.58
C HIS A 195 6.89 -15.01 12.00
N SER A 196 6.46 -16.15 11.45
CA SER A 196 5.07 -16.24 10.99
C SER A 196 4.16 -16.18 12.22
N PRO A 197 2.90 -15.79 12.01
CA PRO A 197 2.01 -15.72 13.15
C PRO A 197 1.87 -17.08 13.83
N PRO A 198 1.83 -17.11 15.18
CA PRO A 198 1.66 -18.40 15.88
C PRO A 198 0.62 -19.29 15.23
N GLY A 199 0.93 -20.57 15.05
CA GLY A 199 0.01 -21.50 14.41
C GLY A 199 -0.05 -21.49 12.87
N HIS A 200 0.80 -20.68 12.23
CA HIS A 200 0.86 -20.52 10.77
C HIS A 200 2.26 -20.69 10.20
N HIS A 201 2.35 -20.98 8.91
CA HIS A 201 3.63 -21.14 8.22
C HIS A 201 3.96 -20.02 7.24
N SER A 202 3.01 -19.12 7.04
CA SER A 202 3.11 -18.06 6.03
C SER A 202 1.99 -17.03 6.24
N VAL A 203 2.02 -15.94 5.47
CA VAL A 203 0.97 -14.94 5.43
C VAL A 203 0.58 -14.73 3.98
N THR A 204 -0.72 -14.58 3.75
CA THR A 204 -1.28 -14.28 2.46
C THR A 204 -1.82 -12.85 2.50
N GLY A 205 -1.39 -12.02 1.56
CA GLY A 205 -1.92 -10.70 1.41
C GLY A 205 -3.01 -10.75 0.37
N ARG A 206 -4.26 -10.71 0.82
CA ARG A 206 -5.38 -10.79 -0.09
C ARG A 206 -5.70 -9.37 -0.59
N PRO A 207 -5.78 -9.20 -1.89
CA PRO A 207 -6.12 -7.87 -2.39
C PRO A 207 -7.53 -7.47 -1.93
N SER A 208 -7.69 -6.32 -1.21
CA SER A 208 -9.02 -5.80 -0.72
C SER A 208 -9.60 -4.51 -1.38
N VAL A 209 -8.93 -3.91 -2.38
CA VAL A 209 -9.42 -2.68 -3.05
C VAL A 209 -9.40 -2.83 -4.59
N ASN A 210 -8.22 -3.16 -5.13
CA ASN A 210 -8.04 -3.43 -6.57
C ASN A 210 -8.50 -4.84 -6.93
N GLY A 211 -9.66 -4.84 -7.58
CA GLY A 211 -10.28 -6.09 -8.00
C GLY A 211 -9.51 -6.87 -9.02
N LEU A 212 -8.49 -6.29 -9.67
CA LEU A 212 -7.76 -7.10 -10.62
C LEU A 212 -6.48 -7.70 -10.03
N ALA A 213 -6.05 -7.24 -8.85
CA ALA A 213 -4.77 -7.72 -8.27
C ALA A 213 -4.87 -9.18 -7.81
N LEU A 214 -3.84 -9.98 -8.07
CA LEU A 214 -3.72 -11.32 -7.45
C LEU A 214 -3.02 -11.25 -6.09
N ALA A 215 -3.14 -12.31 -5.33
CA ALA A 215 -2.53 -12.43 -4.03
C ALA A 215 -0.99 -12.35 -4.07
N GLU A 216 -0.45 -11.92 -2.93
CA GLU A 216 0.97 -11.89 -2.57
C GLU A 216 1.15 -12.66 -1.27
N TYR A 217 2.34 -13.20 -1.07
CA TYR A 217 2.59 -14.17 0.00
C TYR A 217 3.91 -13.88 0.63
N VAL A 218 4.05 -14.21 1.92
CA VAL A 218 5.29 -14.03 2.64
C VAL A 218 5.61 -15.25 3.46
N ILE A 219 6.84 -15.71 3.35
CA ILE A 219 7.38 -16.78 4.21
C ILE A 219 8.50 -16.16 5.05
N TYR A 220 8.76 -16.79 6.17
CA TYR A 220 9.67 -16.26 7.16
C TYR A 220 10.84 -17.25 7.40
N ARG A 221 10.91 -18.27 6.58
CA ARG A 221 12.00 -19.26 6.61
C ARG A 221 12.41 -19.45 5.16
N GLY A 222 13.66 -19.18 4.83
CA GLY A 222 14.14 -19.37 3.45
C GLY A 222 14.02 -20.79 2.90
N GLU A 223 14.02 -21.78 3.78
CA GLU A 223 13.88 -23.20 3.36
C GLU A 223 12.52 -23.49 2.78
N GLN A 224 11.54 -22.59 2.92
CA GLN A 224 10.21 -22.83 2.38
C GLN A 224 10.01 -22.38 0.91
N ALA A 225 11.08 -22.04 0.20
CA ALA A 225 11.04 -21.79 -1.21
C ALA A 225 12.25 -22.37 -1.93
N TYR A 226 12.02 -22.80 -3.15
CA TYR A 226 13.08 -23.24 -4.05
C TYR A 226 13.01 -22.46 -5.38
N PRO A 227 14.13 -21.87 -5.80
CA PRO A 227 14.15 -21.04 -7.01
C PRO A 227 14.25 -21.89 -8.26
N GLU A 228 13.12 -22.47 -8.66
CA GLU A 228 13.03 -23.49 -9.71
CA GLU A 228 13.13 -23.51 -9.68
C GLU A 228 13.43 -23.05 -11.11
N TYR A 229 12.86 -21.94 -11.54
CA TYR A 229 13.14 -21.40 -12.88
C TYR A 229 13.73 -20.00 -12.81
N LEU A 230 14.78 -19.79 -13.60
CA LEU A 230 15.36 -18.45 -13.83
C LEU A 230 14.92 -17.99 -15.21
N ILE A 231 14.13 -16.91 -15.21
CA ILE A 231 13.58 -16.39 -16.45
C ILE A 231 14.27 -15.08 -16.85
N THR A 232 14.83 -15.07 -18.05
CA THR A 232 15.45 -13.87 -18.61
C THR A 232 14.52 -13.24 -19.68
N TYR A 233 14.29 -11.92 -19.58
CA TYR A 233 13.23 -11.25 -20.36
C TYR A 233 13.46 -9.78 -20.54
N GLN A 234 12.70 -9.20 -21.46
CA GLN A 234 12.54 -7.76 -21.57
C GLN A 234 11.05 -7.41 -21.42
N ILE A 235 10.74 -6.27 -20.81
CA ILE A 235 9.37 -5.73 -20.90
C ILE A 235 9.25 -5.15 -22.30
N MET A 236 8.04 -5.16 -22.85
CA MET A 236 7.84 -4.72 -24.22
C MET A 236 7.00 -3.45 -24.24
N ARG A 237 7.46 -2.48 -25.02
CA ARG A 237 6.74 -1.22 -25.19
C ARG A 237 5.42 -1.45 -25.92
N PRO A 238 4.29 -1.06 -25.28
CA PRO A 238 2.99 -1.15 -25.96
C PRO A 238 2.98 -0.38 -27.27
N GLU A 239 2.28 -0.90 -28.27
CA GLU A 239 2.23 -0.30 -29.61
C GLU A 239 1.13 0.75 -29.77
N GLY B 30 -7.44 8.80 -13.85
CA GLY B 30 -6.14 9.47 -14.14
C GLY B 30 -5.23 9.53 -12.92
N THR B 31 -5.58 8.85 -11.84
CA THR B 31 -4.78 8.90 -10.64
C THR B 31 -3.69 7.84 -10.69
N ILE B 32 -2.49 8.23 -10.30
CA ILE B 32 -1.43 7.26 -10.03
C ILE B 32 -0.94 7.47 -8.61
N LEU B 33 -0.52 6.38 -8.00
CA LEU B 33 -0.03 6.37 -6.63
C LEU B 33 1.45 6.02 -6.63
N ILE B 34 2.26 6.90 -6.06
CA ILE B 34 3.72 6.76 -6.02
C ILE B 34 4.15 6.46 -4.60
N ASP B 35 4.81 5.32 -4.38
CA ASP B 35 5.27 4.96 -3.03
C ASP B 35 6.41 5.83 -2.58
N LEU B 36 6.35 6.28 -1.35
CA LEU B 36 7.46 7.00 -0.76
C LEU B 36 8.28 6.01 0.01
N SER B 37 9.60 6.12 -0.14
CA SER B 37 10.51 5.28 0.62
C SER B 37 10.52 5.68 2.09
N PRO B 38 10.56 4.70 3.01
CA PRO B 38 10.71 5.04 4.43
C PRO B 38 11.97 5.85 4.77
N ASP B 39 12.99 5.76 3.91
CA ASP B 39 14.23 6.55 4.07
C ASP B 39 14.11 7.99 3.57
N ASP B 40 13.02 8.32 2.91
CA ASP B 40 12.75 9.64 2.35
C ASP B 40 12.27 10.59 3.48
N LYS B 41 12.85 11.78 3.56
CA LYS B 41 12.38 12.77 4.52
C LYS B 41 10.88 13.05 4.40
N GLU B 42 10.34 13.03 3.20
CA GLU B 42 8.91 13.28 3.03
C GLU B 42 8.05 12.22 3.77
N PHE B 43 8.41 10.95 3.61
CA PHE B 43 7.74 9.86 4.31
C PHE B 43 7.83 10.13 5.80
N GLN B 44 9.02 10.49 6.26
CA GLN B 44 9.28 10.62 7.68
C GLN B 44 8.50 11.78 8.29
N SER B 45 8.33 12.84 7.50
CA SER B 45 7.56 13.99 7.89
C SER B 45 6.06 13.66 8.05
N VAL B 46 5.52 12.96 7.07
CA VAL B 46 4.12 12.54 7.14
C VAL B 46 3.88 11.58 8.32
N GLU B 47 4.77 10.60 8.50
CA GLU B 47 4.66 9.75 9.66
C GLU B 47 4.66 10.54 10.98
N GLU B 48 5.56 11.50 11.10
CA GLU B 48 5.67 12.25 12.35
C GLU B 48 4.37 13.04 12.63
N GLU B 49 3.75 13.59 11.61
CA GLU B 49 2.46 14.26 11.76
C GLU B 49 1.38 13.29 12.17
N MET B 50 1.36 12.08 11.60
CA MET B 50 0.44 11.06 12.12
C MET B 50 0.63 10.75 13.59
N GLN B 51 1.86 10.36 13.93
CA GLN B 51 2.15 9.87 15.26
C GLN B 51 2.02 10.98 16.32
N SER B 52 2.47 12.19 15.99
CA SER B 52 2.50 13.28 16.98
C SER B 52 1.13 13.88 17.22
N THR B 53 0.13 13.56 16.42
CA THR B 53 -1.22 14.12 16.59
C THR B 53 -2.27 13.09 17.06
N VAL B 54 -1.80 11.95 17.55
CA VAL B 54 -2.65 11.03 18.34
C VAL B 54 -2.97 11.65 19.69
N ARG B 55 -4.24 11.58 20.08
CA ARG B 55 -4.64 11.97 21.40
C ARG B 55 -5.64 10.93 21.91
N GLU B 56 -5.95 11.06 23.19
CA GLU B 56 -7.05 10.33 23.82
C GLU B 56 -8.38 10.94 23.39
N HIS B 57 -9.38 10.09 23.30
CA HIS B 57 -10.69 10.54 22.93
C HIS B 57 -11.66 10.29 24.09
N ARG B 58 -12.67 11.14 24.16
CA ARG B 58 -13.66 11.11 25.24
C ARG B 58 -14.54 9.87 25.22
N ASP B 59 -14.57 9.14 24.10
CA ASP B 59 -15.25 7.85 24.02
C ASP B 59 -14.46 6.64 24.52
N GLY B 60 -13.32 6.88 25.14
CA GLY B 60 -12.48 5.80 25.65
C GLY B 60 -11.92 4.86 24.58
N GLY B 61 -11.91 5.28 23.31
CA GLY B 61 -11.61 4.39 22.18
C GLY B 61 -12.75 3.69 21.48
N HIS B 62 -13.99 3.97 21.86
CA HIS B 62 -15.13 3.30 21.26
C HIS B 62 -15.14 3.35 19.73
N ALA B 63 -15.00 4.54 19.14
CA ALA B 63 -15.15 4.70 17.69
C ALA B 63 -13.90 4.24 16.96
N GLY B 64 -12.73 4.67 17.44
CA GLY B 64 -11.47 4.48 16.68
C GLY B 64 -10.57 3.38 17.15
N GLY B 65 -10.85 2.86 18.35
CA GLY B 65 -9.99 1.91 19.04
C GLY B 65 -9.07 2.49 20.09
N ILE B 66 -8.43 1.59 20.83
CA ILE B 66 -7.48 1.99 21.87
C ILE B 66 -6.04 1.88 21.40
N PHE B 67 -5.35 3.00 21.46
CA PHE B 67 -4.00 3.11 20.90
C PHE B 67 -3.37 4.46 21.22
N ASN B 68 -2.05 4.47 21.33
CA ASN B 68 -1.24 5.69 21.46
C ASN B 68 -0.39 5.98 20.25
N ARG B 69 -0.21 4.98 19.40
CA ARG B 69 0.60 5.14 18.19
C ARG B 69 0.16 4.16 17.13
N TYR B 70 0.68 4.39 15.91
CA TYR B 70 0.40 3.61 14.74
C TYR B 70 1.62 2.80 14.29
N ASN B 71 1.36 1.72 13.60
CA ASN B 71 2.37 1.11 12.70
C ASN B 71 2.09 1.59 11.26
N ILE B 72 2.93 2.47 10.73
CA ILE B 72 2.75 3.01 9.36
C ILE B 72 3.33 1.96 8.38
N LEU B 73 2.50 1.49 7.47
CA LEU B 73 2.87 0.44 6.55
C LEU B 73 3.27 0.98 5.16
N LYS B 74 2.63 2.06 4.73
CA LYS B 74 2.85 2.61 3.40
C LYS B 74 2.34 4.07 3.39
N ILE B 75 3.07 4.93 2.70
CA ILE B 75 2.65 6.28 2.40
C ILE B 75 2.85 6.48 0.89
N GLN B 76 1.76 6.77 0.19
CA GLN B 76 1.79 7.03 -1.26
C GLN B 76 1.41 8.47 -1.57
N LYS B 77 2.11 9.03 -2.55
CA LYS B 77 1.68 10.28 -3.13
C LYS B 77 0.59 10.02 -4.12
N VAL B 78 -0.48 10.83 -4.06
CA VAL B 78 -1.62 10.70 -4.97
C VAL B 78 -1.50 11.75 -6.08
N CYS B 79 -1.39 11.29 -7.32
CA CYS B 79 -1.10 12.17 -8.45
C CYS B 79 -2.20 12.09 -9.47
N ASN B 80 -2.89 13.22 -9.65
CA ASN B 80 -3.93 13.31 -10.62
C ASN B 80 -3.92 14.77 -11.14
N LYS B 81 -3.42 14.96 -12.36
CA LYS B 81 -3.30 16.28 -12.97
C LYS B 81 -4.65 17.01 -13.01
N LYS B 82 -5.69 16.33 -13.45
CA LYS B 82 -6.99 16.96 -13.54
C LYS B 82 -7.51 17.42 -12.16
N LEU B 83 -7.46 16.53 -11.18
CA LEU B 83 -7.91 16.86 -9.82
C LEU B 83 -7.06 17.95 -9.17
N TRP B 84 -5.75 17.95 -9.45
CA TRP B 84 -4.86 19.01 -8.99
C TRP B 84 -5.26 20.37 -9.56
N GLU B 85 -5.54 20.41 -10.86
CA GLU B 85 -5.94 21.65 -11.53
C GLU B 85 -7.30 22.17 -11.02
N ARG B 86 -8.23 21.27 -10.77
CA ARG B 86 -9.48 21.61 -10.09
C ARG B 86 -9.22 22.29 -8.73
N TYR B 87 -8.32 21.71 -7.95
CA TYR B 87 -7.90 22.32 -6.67
C TYR B 87 -7.22 23.70 -6.79
N THR B 88 -6.22 23.83 -7.65
CA THR B 88 -5.51 25.11 -7.81
C THR B 88 -6.35 26.24 -8.41
N HIS B 89 -7.31 25.89 -9.25
CA HIS B 89 -8.30 26.86 -9.77
C HIS B 89 -9.16 27.42 -8.66
N ARG B 90 -9.71 26.54 -7.83
CA ARG B 90 -10.50 26.99 -6.68
C ARG B 90 -9.63 27.75 -5.69
N ARG B 91 -8.42 27.28 -5.46
CA ARG B 91 -7.54 27.92 -4.50
C ARG B 91 -7.24 29.39 -4.91
N LYS B 92 -7.11 29.63 -6.21
CA LYS B 92 -6.86 30.99 -6.73
C LYS B 92 -8.10 31.89 -6.57
N GLU B 93 -9.30 31.35 -6.76
CA GLU B 93 -10.56 32.09 -6.53
C GLU B 93 -10.70 32.46 -5.07
N VAL B 94 -10.44 31.48 -4.21
CA VAL B 94 -10.56 31.70 -2.78
C VAL B 94 -9.50 32.71 -2.31
N SER B 95 -8.26 32.54 -2.74
CA SER B 95 -7.19 33.42 -2.35
C SER B 95 -7.48 34.88 -2.77
N GLU B 96 -8.06 35.08 -3.95
CA GLU B 96 -8.39 36.44 -4.43
C GLU B 96 -9.51 37.06 -3.60
N GLU B 97 -10.51 36.26 -3.23
CA GLU B 97 -11.61 36.73 -2.42
C GLU B 97 -11.17 37.04 -1.02
N ASN B 98 -10.12 36.35 -0.58
CA ASN B 98 -9.61 36.53 0.77
C ASN B 98 -8.38 37.40 0.81
N HIS B 99 -8.26 38.37 -0.12
CA HIS B 99 -7.13 39.31 -0.11
C HIS B 99 -5.75 38.70 -0.18
N ASN B 100 -5.60 37.84 -1.18
CA ASN B 100 -4.36 37.12 -1.49
CA ASN B 100 -4.34 37.14 -1.49
C ASN B 100 -3.91 36.19 -0.36
N HIS B 101 -4.87 35.50 0.24
CA HIS B 101 -4.55 34.49 1.29
C HIS B 101 -5.40 33.25 1.18
N ALA B 102 -4.79 32.17 0.66
CA ALA B 102 -5.49 30.90 0.51
C ALA B 102 -5.80 30.25 1.84
N ASN B 103 -4.95 30.49 2.82
CA ASN B 103 -5.07 29.89 4.16
C ASN B 103 -5.07 28.37 4.02
N GLU B 104 -4.06 27.86 3.32
CA GLU B 104 -3.95 26.46 2.97
C GLU B 104 -3.28 25.68 4.09
N ARG B 105 -3.88 24.54 4.42
CA ARG B 105 -3.43 23.67 5.50
C ARG B 105 -3.24 22.23 4.99
N MET B 106 -2.51 21.44 5.75
CA MET B 106 -2.46 19.99 5.52
C MET B 106 -3.22 19.40 6.71
N LEU B 107 -4.25 18.61 6.41
CA LEU B 107 -5.17 18.09 7.41
C LEU B 107 -5.53 16.66 7.08
N PHE B 108 -5.84 15.87 8.11
CA PHE B 108 -6.26 14.50 7.93
C PHE B 108 -7.72 14.35 7.53
N HIS B 109 -8.01 13.25 6.83
CA HIS B 109 -9.38 12.84 6.47
C HIS B 109 -9.50 11.34 6.47
N GLY B 110 -10.42 10.85 7.29
CA GLY B 110 -10.76 9.44 7.32
C GLY B 110 -12.12 9.28 6.70
N SER B 111 -12.31 8.25 5.91
CA SER B 111 -13.64 8.08 5.27
C SER B 111 -13.85 6.66 4.74
N PRO B 112 -15.08 6.15 4.85
CA PRO B 112 -15.46 4.92 4.08
C PRO B 112 -15.28 5.06 2.58
N PHE B 113 -15.22 6.28 2.06
CA PHE B 113 -15.11 6.51 0.59
C PHE B 113 -13.70 6.78 0.08
N VAL B 114 -12.68 6.49 0.88
CA VAL B 114 -11.30 6.83 0.54
C VAL B 114 -10.84 6.33 -0.85
N ASN B 115 -11.24 5.12 -1.20
CA ASN B 115 -10.89 4.54 -2.52
CA ASN B 115 -10.84 4.56 -2.48
C ASN B 115 -11.51 5.34 -3.64
N ALA B 116 -12.70 5.88 -3.42
CA ALA B 116 -13.37 6.73 -4.40
C ALA B 116 -12.79 8.17 -4.46
N ILE B 117 -12.41 8.70 -3.31
CA ILE B 117 -11.88 10.06 -3.27
C ILE B 117 -10.58 10.24 -4.06
N ILE B 118 -9.67 9.29 -3.93
CA ILE B 118 -8.38 9.38 -4.61
C ILE B 118 -8.50 9.32 -6.14
N HIS B 119 -9.60 8.75 -6.63
CA HIS B 119 -9.83 8.63 -8.09
C HIS B 119 -10.67 9.73 -8.64
N LYS B 120 -11.68 10.14 -7.88
CA LYS B 120 -12.71 11.04 -8.38
C LYS B 120 -12.67 12.41 -7.72
N GLY B 121 -11.91 12.54 -6.64
CA GLY B 121 -11.80 13.81 -5.91
C GLY B 121 -12.89 13.93 -4.86
N PHE B 122 -12.81 14.96 -4.04
CA PHE B 122 -13.85 15.26 -3.06
C PHE B 122 -15.06 15.91 -3.73
N ASP B 123 -16.25 15.51 -3.35
CA ASP B 123 -17.46 16.26 -3.72
C ASP B 123 -18.59 15.94 -2.73
N GLU B 124 -19.79 16.41 -3.03
CA GLU B 124 -20.94 16.27 -2.11
C GLU B 124 -21.18 14.86 -1.56
N ARG B 125 -20.81 13.83 -2.32
CA ARG B 125 -20.96 12.42 -1.87
C ARG B 125 -20.11 12.11 -0.63
N HIS B 126 -19.11 12.94 -0.38
CA HIS B 126 -18.16 12.70 0.72
C HIS B 126 -18.40 13.52 1.97
N ALA B 127 -19.58 14.14 2.03
CA ALA B 127 -19.92 15.02 3.13
C ALA B 127 -20.51 14.26 4.28
N TYR B 128 -20.28 14.81 5.47
CA TYR B 128 -20.83 14.30 6.69
C TYR B 128 -22.03 15.17 6.92
N ILE B 129 -23.20 14.64 6.54
CA ILE B 129 -24.42 15.42 6.51
C ILE B 129 -24.80 15.84 7.93
N GLY B 130 -24.59 14.97 8.91
CA GLY B 130 -24.92 15.31 10.29
C GLY B 130 -23.80 15.91 11.13
N GLY B 131 -22.76 16.45 10.48
CA GLY B 131 -21.65 17.03 11.20
C GLY B 131 -22.15 18.23 11.99
N MET B 132 -21.47 18.53 13.07
CA MET B 132 -21.89 19.60 13.97
C MET B 132 -21.81 21.04 13.41
N PHE B 133 -21.07 21.24 12.33
CA PHE B 133 -21.06 22.54 11.62
C PHE B 133 -21.75 22.47 10.26
N GLY B 134 -22.73 21.59 10.15
CA GLY B 134 -23.54 21.48 8.95
C GLY B 134 -22.97 20.45 8.01
N ALA B 135 -23.76 20.14 6.97
CA ALA B 135 -23.38 19.24 5.88
C ALA B 135 -22.20 19.80 5.07
N GLY B 136 -21.03 19.24 5.33
CA GLY B 136 -19.80 19.61 4.62
C GLY B 136 -18.79 18.46 4.74
N ILE B 137 -17.59 18.71 4.27
CA ILE B 137 -16.53 17.72 4.28
C ILE B 137 -15.58 18.15 5.42
N TYR B 138 -15.38 17.25 6.36
CA TYR B 138 -14.69 17.51 7.58
C TYR B 138 -13.26 17.00 7.55
N PHE B 139 -12.34 17.78 8.13
CA PHE B 139 -10.95 17.42 8.26
C PHE B 139 -10.49 17.65 9.71
N ALA B 140 -9.42 16.97 10.09
CA ALA B 140 -8.88 17.07 11.46
C ALA B 140 -7.38 17.33 11.53
N GLU B 141 -6.96 18.14 12.50
CA GLU B 141 -5.55 18.24 12.84
C GLU B 141 -5.07 16.98 13.59
N ASN B 142 -5.95 16.36 14.39
CA ASN B 142 -5.63 15.11 15.09
C ASN B 142 -5.81 13.92 14.16
N SER B 143 -4.75 13.19 13.87
CA SER B 143 -4.86 12.00 13.05
C SER B 143 -5.88 11.02 13.69
N SER B 144 -5.86 10.92 15.02
CA SER B 144 -6.75 9.99 15.72
C SER B 144 -8.22 10.37 15.65
N LYS B 145 -8.51 11.65 15.47
CA LYS B 145 -9.90 12.09 15.19
C LYS B 145 -10.40 11.53 13.83
N SER B 146 -9.63 11.74 12.76
CA SER B 146 -9.97 11.15 11.47
C SER B 146 -9.99 9.60 11.50
N ASN B 147 -9.14 8.98 12.31
CA ASN B 147 -9.16 7.50 12.48
C ASN B 147 -10.54 6.97 12.92
N GLN B 148 -11.24 7.77 13.71
CA GLN B 148 -12.59 7.41 14.15
C GLN B 148 -13.60 7.27 13.01
N TYR B 149 -13.26 7.72 11.78
CA TYR B 149 -14.20 7.68 10.66
C TYR B 149 -13.80 6.70 9.57
N VAL B 150 -12.69 6.00 9.77
CA VAL B 150 -12.20 5.03 8.75
C VAL B 150 -13.23 3.97 8.44
N TYR B 151 -13.91 3.50 9.45
CA TYR B 151 -14.94 2.48 9.28
C TYR B 151 -16.35 3.07 9.35
N GLY B 152 -16.45 4.38 9.16
CA GLY B 152 -17.74 5.06 9.08
C GLY B 152 -17.96 5.93 10.30
N ILE B 153 -19.08 6.64 10.33
CA ILE B 153 -19.42 7.54 11.45
C ILE B 153 -19.52 6.72 12.72
N GLY B 154 -18.85 7.17 13.77
CA GLY B 154 -18.80 6.44 15.04
C GLY B 154 -18.01 5.14 14.99
N GLY B 155 -17.17 4.98 13.96
CA GLY B 155 -16.49 3.73 13.67
C GLY B 155 -17.33 2.61 13.08
N GLY B 156 -18.60 2.89 12.76
CA GLY B 156 -19.51 1.90 12.18
C GLY B 156 -19.49 0.66 13.03
N THR B 157 -19.28 -0.49 12.40
CA THR B 157 -19.24 -1.77 13.08
C THR B 157 -17.78 -2.25 13.08
N GLY B 158 -16.84 -1.36 12.78
CA GLY B 158 -15.41 -1.67 12.83
C GLY B 158 -14.99 -2.40 11.56
N CYS B 159 -13.88 -3.10 11.65
CA CYS B 159 -13.29 -3.69 10.44
C CYS B 159 -14.22 -4.70 9.80
N PRO B 160 -14.19 -4.85 8.48
CA PRO B 160 -15.05 -5.87 7.86
C PRO B 160 -14.83 -7.30 8.37
N VAL B 161 -13.57 -7.67 8.56
CA VAL B 161 -13.21 -9.08 8.85
C VAL B 161 -13.58 -9.49 10.26
N HIS B 162 -13.34 -8.61 11.23
CA HIS B 162 -13.54 -8.94 12.63
C HIS B 162 -14.65 -8.17 13.33
N LYS B 163 -15.28 -7.22 12.65
CA LYS B 163 -16.27 -6.36 13.27
C LYS B 163 -15.71 -5.71 14.56
N ASP B 164 -14.46 -5.28 14.51
CA ASP B 164 -13.76 -4.75 15.69
C ASP B 164 -13.29 -3.33 15.42
N ARG B 165 -13.88 -2.34 16.11
CA ARG B 165 -13.49 -0.96 15.92
C ARG B 165 -12.08 -0.70 16.43
N SER B 166 -11.61 -1.54 17.35
CA SER B 166 -10.23 -1.49 17.80
C SER B 166 -9.35 -2.59 17.20
N CYS B 167 -9.64 -3.02 15.99
CA CYS B 167 -8.82 -4.11 15.34
C CYS B 167 -7.38 -3.71 15.19
N TYR B 168 -6.44 -4.54 15.68
CA TYR B 168 -5.01 -4.31 15.53
C TYR B 168 -4.36 -5.11 14.38
N ILE B 169 -5.16 -5.90 13.70
CA ILE B 169 -4.72 -6.78 12.61
C ILE B 169 -4.93 -6.09 11.28
N CYS B 170 -6.15 -5.63 11.03
CA CYS B 170 -6.53 -5.19 9.70
C CYS B 170 -5.94 -3.82 9.38
N HIS B 171 -5.53 -3.66 8.14
CA HIS B 171 -4.94 -2.42 7.64
C HIS B 171 -5.99 -1.35 7.41
N ARG B 172 -5.69 -0.12 7.88
CA ARG B 172 -6.52 1.06 7.68
C ARG B 172 -5.84 2.03 6.69
N GLN B 173 -6.62 2.93 6.12
CA GLN B 173 -6.11 4.00 5.29
C GLN B 173 -6.67 5.37 5.74
N LEU B 174 -5.80 6.39 5.81
CA LEU B 174 -6.19 7.81 6.00
C LEU B 174 -5.62 8.60 4.86
N LEU B 175 -6.20 9.78 4.61
CA LEU B 175 -5.64 10.75 3.70
C LEU B 175 -5.09 11.91 4.49
N PHE B 176 -4.01 12.47 3.97
CA PHE B 176 -3.43 13.68 4.52
C PHE B 176 -3.53 14.62 3.33
N CYS B 177 -4.31 15.70 3.52
CA CYS B 177 -4.87 16.47 2.41
C CYS B 177 -4.45 17.91 2.42
N ARG B 178 -4.26 18.49 1.25
CA ARG B 178 -4.10 19.93 1.12
C ARG B 178 -5.52 20.56 1.12
N VAL B 179 -5.77 21.49 2.03
CA VAL B 179 -7.10 22.06 2.20
C VAL B 179 -7.03 23.60 2.19
N THR B 180 -7.87 24.24 1.37
CA THR B 180 -7.92 25.70 1.25
C THR B 180 -9.04 26.19 2.19
N LEU B 181 -8.67 26.86 3.27
CA LEU B 181 -9.69 27.34 4.22
C LEU B 181 -10.24 28.73 3.92
N GLY B 182 -9.45 29.53 3.22
CA GLY B 182 -9.82 30.94 2.94
C GLY B 182 -10.14 31.65 4.25
N LYS B 183 -11.19 32.47 4.22
CA LYS B 183 -11.68 33.16 5.42
C LYS B 183 -12.49 32.14 6.19
N SER B 184 -11.95 31.68 7.31
CA SER B 184 -12.59 30.65 8.10
C SER B 184 -13.38 31.23 9.28
N PHE B 185 -14.63 30.82 9.36
CA PHE B 185 -15.51 31.18 10.47
C PHE B 185 -15.17 30.38 11.71
N LEU B 186 -14.77 31.08 12.77
CA LEU B 186 -14.38 30.43 13.99
C LEU B 186 -15.59 30.09 14.83
N GLN B 187 -15.79 28.79 15.08
CA GLN B 187 -16.84 28.30 15.93
C GLN B 187 -16.24 27.57 17.09
N PHE B 188 -16.49 28.03 18.31
CA PHE B 188 -16.08 27.30 19.49
C PHE B 188 -17.14 26.24 19.72
N SER B 189 -16.73 25.03 20.07
CA SER B 189 -17.69 23.98 20.29
C SER B 189 -17.30 23.20 21.51
N ALA B 190 -18.31 22.68 22.18
CA ALA B 190 -18.21 22.27 23.58
C ALA B 190 -17.52 20.92 23.74
N MET B 191 -16.90 20.45 22.67
CA MET B 191 -16.14 19.22 22.67
C MET B 191 -14.81 19.33 23.47
N LYS B 192 -14.46 18.39 24.20
N MET B 193 -25.44 19.36 0.64
CA MET B 193 -24.26 20.12 1.19
C MET B 193 -24.59 21.61 1.48
N ALA B 194 -24.42 22.00 2.75
CA ALA B 194 -24.61 23.38 3.22
C ALA B 194 -23.68 24.35 2.51
N HIS B 195 -23.84 25.63 2.80
CA HIS B 195 -22.99 26.67 2.24
C HIS B 195 -22.18 27.22 3.36
N SER B 196 -21.05 27.83 3.03
CA SER B 196 -20.24 28.50 4.04
C SER B 196 -21.08 29.61 4.66
N PRO B 197 -20.67 30.08 5.84
CA PRO B 197 -21.20 31.34 6.34
C PRO B 197 -20.93 32.47 5.34
N PRO B 198 -21.88 33.38 5.16
CA PRO B 198 -21.64 34.48 4.24
C PRO B 198 -20.29 35.16 4.45
N GLY B 199 -19.58 35.36 3.35
CA GLY B 199 -18.29 35.99 3.36
C GLY B 199 -17.18 35.10 3.88
N HIS B 200 -17.47 33.80 4.04
CA HIS B 200 -16.49 32.83 4.55
C HIS B 200 -16.37 31.63 3.63
N HIS B 201 -15.23 30.95 3.68
CA HIS B 201 -14.93 29.82 2.78
C HIS B 201 -14.85 28.48 3.48
N SER B 202 -14.98 28.49 4.81
CA SER B 202 -14.84 27.32 5.63
C SER B 202 -15.24 27.66 7.05
N VAL B 203 -15.39 26.62 7.87
CA VAL B 203 -15.61 26.76 9.29
C VAL B 203 -14.50 26.07 10.06
N THR B 204 -13.99 26.77 11.07
CA THR B 204 -13.02 26.23 12.02
C THR B 204 -13.73 25.87 13.31
N GLY B 205 -13.71 24.59 13.66
CA GLY B 205 -14.35 24.10 14.88
C GLY B 205 -13.25 23.89 15.89
N ARG B 206 -13.23 24.71 16.92
CA ARG B 206 -12.18 24.68 17.89
C ARG B 206 -12.72 24.20 19.22
N PRO B 207 -12.27 23.03 19.69
CA PRO B 207 -12.77 22.52 20.96
C PRO B 207 -12.48 23.49 22.11
N SER B 208 -13.50 23.79 22.89
CA SER B 208 -13.42 24.74 23.98
C SER B 208 -13.35 24.05 25.36
N VAL B 209 -13.63 22.75 25.42
CA VAL B 209 -13.64 22.01 26.68
C VAL B 209 -12.37 21.20 26.88
N ASN B 210 -11.99 20.42 25.87
CA ASN B 210 -10.73 19.66 25.94
C ASN B 210 -9.58 20.50 25.39
N GLY B 211 -8.67 20.86 26.28
CA GLY B 211 -7.52 21.68 25.89
C GLY B 211 -6.49 20.91 25.06
N LEU B 212 -6.53 19.57 25.07
CA LEU B 212 -5.57 18.79 24.27
C LEU B 212 -6.11 18.46 22.87
N ALA B 213 -7.38 18.74 22.64
CA ALA B 213 -7.99 18.43 21.36
C ALA B 213 -7.62 19.51 20.33
N LEU B 214 -7.19 19.08 19.14
CA LEU B 214 -6.89 20.05 18.08
C LEU B 214 -8.15 20.44 17.28
N ALA B 215 -8.02 21.40 16.39
CA ALA B 215 -9.14 21.87 15.60
C ALA B 215 -9.60 20.89 14.54
N GLU B 216 -10.87 21.05 14.19
CA GLU B 216 -11.51 20.34 13.10
C GLU B 216 -12.00 21.44 12.14
N TYR B 217 -12.07 21.13 10.86
CA TYR B 217 -12.37 22.13 9.83
C TYR B 217 -13.40 21.56 8.88
N VAL B 218 -14.24 22.45 8.33
CA VAL B 218 -15.30 22.06 7.38
C VAL B 218 -15.20 22.95 6.15
N ILE B 219 -15.22 22.30 5.00
CA ILE B 219 -15.35 22.96 3.73
C ILE B 219 -16.68 22.53 3.10
N TYR B 220 -17.19 23.38 2.21
CA TYR B 220 -18.49 23.12 1.62
C TYR B 220 -18.43 22.97 0.10
N ARG B 221 -17.21 22.87 -0.42
CA ARG B 221 -16.93 22.72 -1.83
C ARG B 221 -15.85 21.66 -1.90
N GLY B 222 -16.04 20.62 -2.70
CA GLY B 222 -15.06 19.55 -2.79
C GLY B 222 -13.77 20.00 -3.41
N GLU B 223 -13.84 21.02 -4.26
CA GLU B 223 -12.70 21.61 -4.89
C GLU B 223 -11.70 22.28 -3.98
N GLN B 224 -12.06 22.54 -2.73
CA GLN B 224 -11.15 23.15 -1.76
C GLN B 224 -10.25 22.17 -1.03
N ALA B 225 -10.22 20.91 -1.48
CA ALA B 225 -9.29 19.95 -0.89
C ALA B 225 -8.67 19.02 -1.96
N TYR B 226 -7.42 18.64 -1.76
CA TYR B 226 -6.75 17.69 -2.63
C TYR B 226 -6.16 16.57 -1.78
N PRO B 227 -6.48 15.30 -2.08
CA PRO B 227 -6.01 14.16 -1.27
C PRO B 227 -4.56 13.81 -1.57
N GLU B 228 -3.62 14.55 -1.04
CA GLU B 228 -2.22 14.46 -1.45
C GLU B 228 -1.50 13.18 -1.08
N TYR B 229 -1.77 12.63 0.09
CA TYR B 229 -1.10 11.42 0.59
C TYR B 229 -2.11 10.41 1.07
N LEU B 230 -1.84 9.16 0.72
CA LEU B 230 -2.64 8.00 1.18
C LEU B 230 -1.77 7.19 2.09
N ILE B 231 -2.20 7.07 3.33
CA ILE B 231 -1.42 6.45 4.40
C ILE B 231 -2.08 5.14 4.78
N THR B 232 -1.33 4.04 4.68
CA THR B 232 -1.79 2.69 5.11
C THR B 232 -1.11 2.36 6.43
N TYR B 233 -1.90 1.89 7.40
CA TYR B 233 -1.45 1.73 8.77
C TYR B 233 -2.28 0.75 9.60
N GLN B 234 -1.71 0.31 10.72
CA GLN B 234 -2.44 -0.32 11.81
C GLN B 234 -2.33 0.52 13.06
N ILE B 235 -3.37 0.52 13.87
CA ILE B 235 -3.27 1.05 15.22
C ILE B 235 -2.55 -0.04 16.03
N MET B 236 -1.75 0.39 17.00
CA MET B 236 -0.96 -0.51 17.86
C MET B 236 -1.57 -0.62 19.29
N ARG B 237 -1.72 -1.87 19.75
CA ARG B 237 -2.18 -2.15 21.10
C ARG B 237 -1.17 -1.61 22.11
N PRO B 238 -1.61 -0.79 23.07
CA PRO B 238 -0.62 -0.27 24.02
C PRO B 238 -0.01 -1.41 24.86
N GLU B 239 1.25 -1.30 25.27
CA GLU B 239 1.90 -2.38 26.04
C GLU B 239 1.70 -2.27 27.53
ZN ZN C . 18.55 -0.16 -19.67
S SO4 D . -0.07 -2.16 -7.15
O1 SO4 D . -0.89 -1.88 -8.35
O2 SO4 D . -0.84 -3.18 -6.39
O3 SO4 D . 0.07 -1.07 -6.21
O4 SO4 D . 1.19 -2.80 -7.43
S SO4 E . 0.98 -4.52 -26.76
O1 SO4 E . 0.35 -5.66 -27.45
O2 SO4 E . 2.31 -4.93 -26.22
O3 SO4 E . 0.13 -4.14 -25.64
O4 SO4 E . 1.16 -3.39 -27.69
O22 32F F . 15.92 -4.74 -1.99
C20 32F F . 15.97 -5.06 -0.69
O21 32F F . 16.31 -4.24 0.13
C18 32F F . 15.62 -6.43 -0.23
C8 32F F . 10.22 -8.37 -3.33
N11 32F F . 10.15 -9.22 -4.39
C10 32F F . 8.99 -9.66 -4.87
O19 32F F . 8.92 -10.42 -5.85
C12 32F F . 7.75 -9.21 -4.21
C17 32F F . 6.48 -9.61 -4.63
C16 32F F . 5.35 -9.11 -3.97
C15 32F F . 5.51 -8.18 -2.94
C14 32F F . 6.76 -7.77 -2.50
C13 32F F . 7.90 -8.26 -3.11
N9 32F F . 9.12 -7.88 -2.68
C3 32F F . 11.70 -6.85 -1.94
C2 32F F . 12.99 -6.57 -1.47
C1 32F F . 14.08 -7.35 -1.87
C4 32F F . 13.91 -8.43 -2.69
O2 32F F . 15.37 -7.12 -1.43
C5 32F F . 11.54 -7.95 -2.82
C6 32F F . 12.67 -8.73 -3.15
C1 GOL G . -12.72 -6.08 -5.52
O1 GOL G . -12.15 -4.88 -5.01
C2 GOL G . -12.29 -7.24 -4.66
O2 GOL G . -13.47 -7.60 -3.87
C3 GOL G . -11.07 -6.89 -3.77
O3 GOL G . -9.87 -6.75 -4.57
C1 GOL H . -5.22 -9.92 -13.34
O1 GOL H . -4.19 -9.96 -12.35
C2 GOL H . -5.51 -11.30 -13.92
O2 GOL H . -6.58 -11.13 -14.89
C3 GOL H . -4.23 -11.86 -14.55
O3 GOL H . -3.25 -10.80 -14.68
ZN ZN I . -9.94 -6.72 11.69
S SO4 J . -13.54 13.38 21.10
O1 SO4 J . -13.23 12.67 19.87
O2 SO4 J . -13.40 14.80 20.73
O3 SO4 J . -12.55 13.17 22.19
O4 SO4 J . -14.90 13.26 21.59
S SO4 K . 2.60 2.11 23.68
O1 SO4 K . 2.98 0.80 24.27
O2 SO4 K . 3.70 3.07 23.66
O3 SO4 K . 1.52 2.62 24.55
O4 SO4 K . 2.09 1.84 22.30
O22 32F L . -20.27 7.96 6.28
C20 32F L . -20.99 8.99 5.83
O21 32F L . -22.21 8.95 5.90
C18 32F L . -20.32 10.20 5.23
C8 32F L . -15.31 12.48 8.69
N11 32F L . -14.00 12.35 8.40
C10 32F L . -13.06 12.97 9.14
O19 32F L . -11.84 12.80 8.89
C12 32F L . -13.52 13.91 10.22
C17 32F L . -12.66 14.67 11.00
C16 32F L . -13.15 15.51 12.02
C15 32F L . -14.53 15.58 12.23
C14 32F L . -15.45 14.85 11.48
C13 32F L . -14.98 14.01 10.46
N9 32F L . -15.81 13.32 9.67
C3 32F L . -17.60 11.71 8.20
C2 32F L . -18.51 11.07 7.36
C1 32F L . -18.07 10.56 6.14
C4 32F L . -16.75 10.69 5.77
O2 32F L . -18.90 9.93 5.24
C5 32F L . -16.27 11.80 7.84
C6 32F L . -15.85 11.29 6.61
#